data_4I90
#
_entry.id   4I90
#
_cell.length_a   85.983
_cell.length_b   57.583
_cell.length_c   61.694
_cell.angle_alpha   90.00
_cell.angle_beta   90.00
_cell.angle_gamma   90.00
#
_symmetry.space_group_name_H-M   'P 21 21 21'
#
loop_
_entity.id
_entity.type
_entity.pdbx_description
1 polymer '1-phosphatidylinositol phosphodiesterase'
2 non-polymer 'ACETATE ION'
3 non-polymer 'CHOLINE ION'
4 non-polymer 'CHLORIDE ION'
5 water water
#
_entity_poly.entity_id   1
_entity_poly.type   'polypeptide(L)'
_entity_poly.pdbx_seq_one_letter_code
;SDSLSKSPENWMSKLDDGKHLTEINIPGSHDSGSFTLKDPVKSVWAKTQDKDYLTQMKSGVRFFDIRGRASADNMISVHH
GMVYLHHELGKFLDDAKYYLSAYPNETIVMSMKKDYDSDSKVTKTFEEIFREYYYNNPQYQNLFYTGSNANPTLKETKGK
IVLFNRMGGTYIKSGYGADTSGIQWADNATFETKINNGSLNLKVQDEYKDYYDKKVEAVKNLLAKAKTDSNKDNVYVNFL
SVASGGSAFNSTYYYASYINPEIAKTIKANGKARTGWLIVDYAGYTWPGYDDIVSEIIDSNKL
;
_entity_poly.pdbx_strand_id   A
#
loop_
_chem_comp.id
_chem_comp.type
_chem_comp.name
_chem_comp.formula
ACT non-polymer 'ACETATE ION' 'C2 H3 O2 -1'
CHT non-polymer 'CHOLINE ION' 'C5 H14 N O 1'
CL non-polymer 'CHLORIDE ION' 'Cl -1'
#
# COMPACT_ATOMS: atom_id res chain seq x y z
N ASP A 2 -13.23 12.05 -21.02
CA ASP A 2 -12.89 12.22 -19.57
C ASP A 2 -11.56 11.55 -19.06
N SER A 3 -10.79 12.27 -18.25
CA SER A 3 -9.58 11.66 -17.68
C SER A 3 -9.91 10.49 -16.72
N LEU A 4 -8.92 9.62 -16.48
CA LEU A 4 -9.14 8.42 -15.68
C LEU A 4 -9.64 8.74 -14.26
N SER A 5 -9.12 9.80 -13.67
CA SER A 5 -9.47 10.20 -12.29
C SER A 5 -10.91 10.62 -12.11
N LYS A 6 -11.61 10.90 -13.22
CA LYS A 6 -13.06 11.15 -13.12
C LYS A 6 -13.81 9.87 -12.83
N SER A 7 -13.22 8.70 -13.05
CA SER A 7 -13.93 7.48 -12.71
C SER A 7 -13.04 6.58 -11.84
N PRO A 8 -12.79 7.07 -10.61
CA PRO A 8 -11.80 6.33 -9.77
C PRO A 8 -12.25 4.99 -9.28
N GLU A 9 -13.55 4.64 -9.34
CA GLU A 9 -13.91 3.35 -8.91
C GLU A 9 -13.45 2.19 -9.84
N ASN A 10 -13.16 2.52 -11.12
CA ASN A 10 -12.85 1.44 -12.07
C ASN A 10 -11.74 1.88 -13.03
N TRP A 11 -10.79 2.66 -12.52
CA TRP A 11 -9.75 3.18 -13.36
C TRP A 11 -8.84 2.10 -13.99
N MET A 12 -8.57 1.00 -13.25
CA MET A 12 -7.76 -0.09 -13.84
C MET A 12 -8.41 -0.76 -15.01
N SER A 13 -9.72 -0.72 -15.04
CA SER A 13 -10.49 -1.39 -16.09
C SER A 13 -10.20 -0.65 -17.40
N LYS A 14 -9.75 0.62 -17.36
CA LYS A 14 -9.46 1.39 -18.59
C LYS A 14 -8.05 1.20 -19.18
N LEU A 15 -7.21 0.44 -18.50
CA LEU A 15 -5.82 0.30 -18.93
C LEU A 15 -5.69 -0.97 -19.74
N ASP A 16 -4.53 -1.05 -20.38
CA ASP A 16 -4.21 -2.23 -21.19
C ASP A 16 -3.78 -3.30 -20.13
N ASP A 17 -4.52 -4.40 -20.03
CA ASP A 17 -4.24 -5.44 -19.00
C ASP A 17 -3.04 -6.30 -19.30
N GLY A 18 -2.36 -6.06 -20.43
CA GLY A 18 -1.05 -6.67 -20.64
C GLY A 18 0.09 -6.02 -19.87
N LYS A 19 -0.17 -4.85 -19.26
CA LYS A 19 0.84 -4.15 -18.44
C LYS A 19 1.14 -5.04 -17.22
N HIS A 20 2.41 -5.07 -16.84
CA HIS A 20 2.80 -5.59 -15.52
C HIS A 20 2.36 -4.63 -14.47
N LEU A 21 2.03 -5.16 -13.29
CA LEU A 21 1.54 -4.19 -12.26
C LEU A 21 2.60 -3.18 -11.89
N THR A 22 3.87 -3.61 -11.96
CA THR A 22 4.97 -2.70 -11.63
C THR A 22 5.02 -1.46 -12.51
N GLU A 23 4.45 -1.60 -13.73
CA GLU A 23 4.43 -0.50 -14.67
C GLU A 23 3.25 0.43 -14.54
N ILE A 24 2.29 0.07 -13.66
CA ILE A 24 1.07 0.90 -13.42
C ILE A 24 1.43 1.86 -12.31
N ASN A 25 0.93 3.09 -12.41
CA ASN A 25 1.16 4.12 -11.37
C ASN A 25 -0.03 3.96 -10.42
N ILE A 26 0.26 3.48 -9.21
CA ILE A 26 -0.82 3.04 -8.29
C ILE A 26 -0.84 3.95 -7.06
N PRO A 27 -2.02 4.42 -6.70
CA PRO A 27 -2.09 5.17 -5.39
C PRO A 27 -2.32 4.13 -4.27
N GLY A 28 -1.56 4.28 -3.17
CA GLY A 28 -1.82 3.45 -2.02
C GLY A 28 -2.12 4.30 -0.78
N SER A 29 -2.59 3.62 0.26
CA SER A 29 -2.82 4.31 1.52
C SER A 29 -1.92 3.69 2.61
N HIS A 30 -1.25 4.60 3.35
CA HIS A 30 -0.36 4.21 4.41
C HIS A 30 -1.17 3.93 5.69
N ASP A 31 -0.91 2.77 6.31
CA ASP A 31 -1.68 2.28 7.51
C ASP A 31 -3.20 2.48 7.29
N SER A 32 -3.65 1.85 6.18
CA SER A 32 -4.98 1.97 5.61
C SER A 32 -6.09 1.94 6.61
N GLY A 33 -5.96 1.04 7.61
CA GLY A 33 -7.12 0.76 8.51
C GLY A 33 -7.25 1.74 9.67
N SER A 34 -6.47 2.80 9.70
CA SER A 34 -6.53 3.69 10.84
C SER A 34 -7.71 4.64 10.84
N PHE A 35 -8.58 4.56 9.84
CA PHE A 35 -9.76 5.48 9.75
C PHE A 35 -10.68 5.32 10.97
N THR A 36 -10.56 4.18 11.67
CA THR A 36 -11.42 3.88 12.85
C THR A 36 -11.09 4.82 14.05
N LEU A 37 -9.90 5.42 14.07
CA LEU A 37 -9.48 6.15 15.32
C LEU A 37 -10.25 7.48 15.48
N LYS A 38 -10.75 7.74 16.72
CA LYS A 38 -11.57 8.92 17.02
C LYS A 38 -10.99 9.76 18.19
N ASP A 39 -10.03 9.17 18.91
CA ASP A 39 -9.33 9.85 20.04
C ASP A 39 -8.49 10.98 19.49
N PRO A 40 -8.82 12.27 19.80
CA PRO A 40 -8.05 13.29 19.07
C PRO A 40 -6.63 13.47 19.53
N VAL A 41 -6.32 13.00 20.75
CA VAL A 41 -4.93 13.14 21.20
C VAL A 41 -4.05 12.07 20.50
N LYS A 42 -4.56 10.85 20.53
CA LYS A 42 -3.80 9.70 20.04
C LYS A 42 -3.81 9.86 18.51
N SER A 43 -4.91 10.40 17.96
CA SER A 43 -4.96 10.53 16.43
C SER A 43 -3.88 11.42 15.82
N VAL A 44 -3.35 12.40 16.56
CA VAL A 44 -2.24 13.23 16.06
C VAL A 44 -1.12 12.41 15.40
N TRP A 45 -0.76 11.30 16.06
CA TRP A 45 0.37 10.47 15.62
C TRP A 45 -0.06 9.11 15.08
N ALA A 46 -1.18 8.58 15.57
CA ALA A 46 -1.57 7.20 15.21
C ALA A 46 -2.54 7.14 14.04
N LYS A 47 -3.26 8.20 13.76
CA LYS A 47 -4.26 8.13 12.70
C LYS A 47 -3.67 8.67 11.38
N THR A 48 -3.92 7.94 10.26
CA THR A 48 -3.34 8.30 8.99
C THR A 48 -4.35 8.27 7.84
N GLN A 49 -5.60 7.95 8.12
CA GLN A 49 -6.66 7.98 7.06
C GLN A 49 -7.96 8.38 7.72
N ASP A 50 -8.82 8.98 6.94
CA ASP A 50 -10.18 9.14 7.48
C ASP A 50 -11.31 8.46 6.69
N LYS A 51 -11.01 7.85 5.56
CA LYS A 51 -11.99 7.06 4.77
C LYS A 51 -11.90 5.58 5.05
N ASP A 52 -13.02 4.87 5.08
CA ASP A 52 -12.99 3.41 5.35
C ASP A 52 -12.44 2.70 4.06
N TYR A 53 -12.23 1.39 4.19
CA TYR A 53 -11.60 0.64 3.08
C TYR A 53 -12.44 0.75 1.82
N LEU A 54 -13.76 0.51 1.91
CA LEU A 54 -14.55 0.61 0.65
C LEU A 54 -14.54 1.99 0.02
N THR A 55 -14.52 3.05 0.83
CA THR A 55 -14.49 4.43 0.34
C THR A 55 -13.11 4.75 -0.28
N GLN A 56 -12.03 4.24 0.35
CA GLN A 56 -10.70 4.38 -0.25
C GLN A 56 -10.71 3.70 -1.64
N MET A 57 -11.27 2.50 -1.73
CA MET A 57 -11.33 1.75 -3.03
C MET A 57 -12.12 2.54 -4.10
N LYS A 58 -13.26 3.11 -3.68
CA LYS A 58 -14.08 3.83 -4.65
C LYS A 58 -13.41 5.09 -5.08
N SER A 59 -12.49 5.61 -4.23
CA SER A 59 -11.67 6.76 -4.49
C SER A 59 -10.40 6.44 -5.29
N GLY A 60 -10.20 5.15 -5.66
CA GLY A 60 -9.11 4.80 -6.58
C GLY A 60 -7.87 4.19 -5.91
N VAL A 61 -7.91 4.00 -4.56
CA VAL A 61 -6.71 3.43 -3.91
C VAL A 61 -6.62 1.99 -4.25
N ARG A 62 -5.43 1.51 -4.68
CA ARG A 62 -5.36 0.08 -4.97
C ARG A 62 -4.26 -0.66 -4.20
N PHE A 63 -3.38 0.07 -3.49
CA PHE A 63 -2.35 -0.62 -2.68
C PHE A 63 -2.72 -0.30 -1.24
N PHE A 64 -2.91 -1.32 -0.47
CA PHE A 64 -3.29 -1.14 0.94
C PHE A 64 -2.15 -1.66 1.83
N ASP A 65 -1.75 -0.79 2.76
CA ASP A 65 -0.66 -1.07 3.70
C ASP A 65 -1.32 -1.54 4.99
N ILE A 66 -1.33 -2.85 5.18
CA ILE A 66 -1.93 -3.44 6.36
C ILE A 66 -0.82 -3.93 7.27
N ARG A 67 -0.79 -3.35 8.51
CA ARG A 67 0.21 -3.74 9.46
C ARG A 67 -0.57 -4.32 10.68
N GLY A 68 -0.07 -5.37 11.32
CA GLY A 68 -0.96 -6.16 12.18
C GLY A 68 -0.25 -6.68 13.38
N ARG A 69 -1.05 -7.31 14.26
CA ARG A 69 -0.51 -7.98 15.43
C ARG A 69 -1.35 -9.25 15.55
N ALA A 70 -0.67 -10.38 15.78
CA ALA A 70 -1.34 -11.68 16.00
C ALA A 70 -1.98 -11.58 17.40
N SER A 71 -3.30 -11.56 17.42
CA SER A 71 -4.05 -11.46 18.73
C SER A 71 -4.54 -12.83 19.17
N ALA A 72 -4.51 -13.82 18.28
CA ALA A 72 -4.85 -15.20 18.64
C ALA A 72 -4.20 -16.12 17.64
N ASP A 73 -4.09 -17.41 17.96
CA ASP A 73 -3.52 -18.33 16.95
C ASP A 73 -4.25 -18.37 15.60
N ASN A 74 -5.46 -17.80 15.50
CA ASN A 74 -6.16 -17.75 14.25
C ASN A 74 -6.61 -16.36 13.85
N MET A 75 -6.01 -15.29 14.43
CA MET A 75 -6.49 -13.93 14.18
CA MET A 75 -6.49 -13.95 14.12
C MET A 75 -5.33 -12.95 14.10
N ILE A 76 -5.38 -12.10 13.09
CA ILE A 76 -4.47 -10.92 12.98
C ILE A 76 -5.35 -9.70 13.17
N SER A 77 -4.98 -8.83 14.12
CA SER A 77 -5.63 -7.57 14.37
C SER A 77 -4.89 -6.47 13.63
N VAL A 78 -5.62 -5.50 13.13
CA VAL A 78 -4.99 -4.43 12.33
C VAL A 78 -4.49 -3.34 13.32
N HIS A 79 -3.26 -2.89 13.16
CA HIS A 79 -2.51 -1.99 14.13
C HIS A 79 -1.74 -0.92 13.49
N HIS A 80 -1.52 0.14 14.24
CA HIS A 80 -0.49 1.16 13.98
C HIS A 80 0.44 0.98 15.17
N GLY A 81 1.51 0.23 15.01
CA GLY A 81 2.38 -0.18 16.16
C GLY A 81 1.58 -0.78 17.28
N MET A 82 1.75 -0.23 18.52
CA MET A 82 1.00 -0.64 19.71
CA MET A 82 0.98 -0.77 19.63
C MET A 82 -0.52 -0.41 19.60
N VAL A 83 -0.92 0.56 18.74
CA VAL A 83 -2.30 1.02 18.70
C VAL A 83 -3.20 0.08 17.90
N TYR A 84 -4.16 -0.55 18.58
CA TYR A 84 -5.16 -1.39 17.89
C TYR A 84 -6.13 -0.55 17.09
N LEU A 85 -6.43 -1.02 15.85
CA LEU A 85 -7.28 -0.21 14.95
C LEU A 85 -8.75 -0.69 14.88
N HIS A 86 -9.13 -1.50 15.89
CA HIS A 86 -10.55 -1.79 16.18
C HIS A 86 -11.14 -2.84 15.25
N HIS A 87 -10.27 -3.47 14.46
CA HIS A 87 -10.73 -4.51 13.53
C HIS A 87 -9.67 -5.58 13.25
N GLU A 88 -10.10 -6.76 12.81
CA GLU A 88 -9.14 -7.83 12.43
C GLU A 88 -9.07 -7.86 10.90
N LEU A 89 -8.08 -8.62 10.42
CA LEU A 89 -7.76 -8.63 9.00
C LEU A 89 -8.94 -9.11 8.15
N GLY A 90 -9.78 -10.01 8.70
CA GLY A 90 -10.99 -10.41 7.87
C GLY A 90 -11.87 -9.29 7.43
N LYS A 91 -11.93 -8.17 8.14
CA LYS A 91 -12.73 -7.09 7.73
C LYS A 91 -12.19 -6.44 6.46
N PHE A 92 -10.86 -6.26 6.40
CA PHE A 92 -10.30 -5.77 5.18
C PHE A 92 -10.55 -6.75 3.99
N LEU A 93 -10.27 -8.00 4.24
CA LEU A 93 -10.43 -9.00 3.15
C LEU A 93 -11.87 -9.09 2.68
N ASP A 94 -12.82 -8.99 3.61
CA ASP A 94 -14.24 -8.99 3.26
C ASP A 94 -14.65 -7.79 2.39
N ASP A 95 -14.14 -6.61 2.73
CA ASP A 95 -14.40 -5.42 1.98
C ASP A 95 -13.70 -5.51 0.63
N ALA A 96 -12.46 -6.01 0.62
CA ALA A 96 -11.79 -6.15 -0.68
C ALA A 96 -12.54 -7.11 -1.61
N LYS A 97 -12.93 -8.28 -1.10
CA LYS A 97 -13.71 -9.31 -1.83
C LYS A 97 -14.98 -8.69 -2.43
N TYR A 98 -15.70 -7.94 -1.61
CA TYR A 98 -16.92 -7.28 -2.05
C TYR A 98 -16.61 -6.28 -3.17
N TYR A 99 -15.56 -5.45 -3.00
CA TYR A 99 -15.25 -4.47 -4.02
C TYR A 99 -14.82 -5.11 -5.39
N LEU A 100 -14.00 -6.15 -5.30
CA LEU A 100 -13.37 -6.75 -6.49
C LEU A 100 -14.51 -7.51 -7.24
N SER A 101 -15.53 -7.98 -6.51
CA SER A 101 -16.69 -8.59 -7.19
CA SER A 101 -16.69 -8.57 -7.22
C SER A 101 -17.47 -7.49 -7.97
N ALA A 102 -17.57 -6.29 -7.38
CA ALA A 102 -18.32 -5.23 -8.04
C ALA A 102 -17.53 -4.63 -9.20
N TYR A 103 -16.17 -4.64 -9.12
CA TYR A 103 -15.31 -3.94 -10.06
C TYR A 103 -14.24 -4.98 -10.40
N PRO A 104 -14.57 -5.96 -11.26
CA PRO A 104 -13.75 -7.14 -11.35
C PRO A 104 -12.53 -6.96 -12.20
N ASN A 105 -12.35 -5.80 -12.79
CA ASN A 105 -11.15 -5.57 -13.65
C ASN A 105 -10.06 -4.70 -12.98
N GLU A 106 -10.32 -4.48 -11.68
CA GLU A 106 -9.25 -3.87 -10.79
C GLU A 106 -8.49 -5.00 -10.07
N THR A 107 -7.24 -4.67 -9.72
CA THR A 107 -6.53 -5.55 -8.81
CA THR A 107 -6.38 -5.49 -8.87
C THR A 107 -6.17 -4.71 -7.56
N ILE A 108 -6.09 -5.42 -6.44
CA ILE A 108 -5.63 -4.78 -5.14
C ILE A 108 -4.28 -5.41 -4.82
N VAL A 109 -3.33 -4.55 -4.41
CA VAL A 109 -2.05 -5.07 -3.86
C VAL A 109 -2.12 -4.82 -2.35
N MET A 110 -1.96 -5.88 -1.56
CA MET A 110 -2.08 -5.81 -0.10
C MET A 110 -0.69 -6.11 0.50
N SER A 111 -0.10 -5.09 1.13
CA SER A 111 1.13 -5.28 1.89
C SER A 111 0.72 -5.81 3.28
N MET A 112 1.50 -6.77 3.81
CA MET A 112 1.22 -7.42 5.11
C MET A 112 2.51 -7.36 5.91
N LYS A 113 2.45 -6.75 7.10
CA LYS A 113 3.63 -6.55 7.96
C LYS A 113 3.20 -6.80 9.39
N LYS A 114 4.12 -7.33 10.22
CA LYS A 114 3.86 -7.42 11.68
C LYS A 114 4.35 -6.13 12.28
N ASP A 115 3.47 -5.44 13.03
CA ASP A 115 3.81 -4.12 13.57
C ASP A 115 3.93 -4.15 15.08
N TYR A 116 3.66 -5.29 15.74
CA TYR A 116 3.76 -5.29 17.21
C TYR A 116 3.81 -6.72 17.69
N ASP A 117 4.37 -6.93 18.86
CA ASP A 117 4.45 -8.33 19.40
C ASP A 117 3.17 -8.99 19.61
N SER A 118 3.17 -10.30 19.42
CA SER A 118 1.93 -11.09 19.56
C SER A 118 1.34 -11.13 20.97
N ASP A 119 0.05 -11.37 21.06
CA ASP A 119 -0.64 -11.56 22.35
C ASP A 119 0.07 -12.74 23.03
N SER A 120 0.13 -12.69 24.37
CA SER A 120 0.91 -13.66 25.16
C SER A 120 0.42 -15.14 24.98
N LYS A 121 -0.86 -15.31 24.68
CA LYS A 121 -1.43 -16.65 24.41
C LYS A 121 -1.04 -17.24 23.05
N VAL A 122 -0.50 -16.40 22.15
CA VAL A 122 -0.22 -16.87 20.78
C VAL A 122 0.94 -17.82 20.80
N THR A 123 0.85 -18.92 20.02
CA THR A 123 1.93 -19.90 19.92
C THR A 123 2.55 -20.06 18.57
N LYS A 124 1.99 -19.40 17.55
CA LYS A 124 2.40 -19.59 16.18
C LYS A 124 3.06 -18.26 15.75
N THR A 125 3.91 -18.34 14.76
CA THR A 125 4.48 -17.08 14.18
C THR A 125 3.38 -16.29 13.44
N PHE A 126 3.61 -14.98 13.27
CA PHE A 126 2.66 -14.08 12.52
C PHE A 126 2.55 -14.66 11.08
N GLU A 127 3.68 -15.02 10.48
CA GLU A 127 3.62 -15.61 9.12
C GLU A 127 2.81 -16.90 9.02
N GLU A 128 2.96 -17.83 10.00
CA GLU A 128 2.14 -19.06 10.08
CA GLU A 128 2.15 -19.05 9.94
C GLU A 128 0.67 -18.75 10.13
N ILE A 129 0.32 -17.77 11.01
CA ILE A 129 -1.07 -17.38 11.16
C ILE A 129 -1.63 -16.80 9.87
N PHE A 130 -0.93 -15.85 9.26
CA PHE A 130 -1.44 -15.34 8.03
C PHE A 130 -1.58 -16.47 6.98
N ARG A 131 -0.54 -17.29 6.83
CA ARG A 131 -0.56 -18.32 5.79
C ARG A 131 -1.71 -19.34 6.01
N GLU A 132 -1.82 -19.88 7.22
CA GLU A 132 -2.80 -20.93 7.44
C GLU A 132 -4.24 -20.42 7.64
N TYR A 133 -4.45 -19.22 8.18
CA TYR A 133 -5.79 -18.76 8.59
C TYR A 133 -6.37 -17.67 7.72
N TYR A 134 -5.54 -17.18 6.80
CA TYR A 134 -6.01 -16.21 5.83
C TYR A 134 -5.69 -16.72 4.44
N TYR A 135 -4.41 -16.76 4.07
CA TYR A 135 -4.07 -17.01 2.68
C TYR A 135 -4.67 -18.34 2.23
N ASN A 136 -4.48 -19.36 3.04
CA ASN A 136 -5.05 -20.75 2.77
C ASN A 136 -6.39 -21.07 3.39
N ASN A 137 -7.02 -20.08 3.99
CA ASN A 137 -8.40 -20.24 4.45
C ASN A 137 -9.41 -20.43 3.33
N PRO A 138 -10.21 -21.54 3.39
CA PRO A 138 -11.18 -21.86 2.33
C PRO A 138 -12.15 -20.73 2.13
N GLN A 139 -12.45 -20.01 3.20
CA GLN A 139 -13.24 -18.82 3.11
C GLN A 139 -12.74 -17.80 2.07
N TYR A 140 -11.43 -17.74 1.82
CA TYR A 140 -10.87 -16.74 0.88
C TYR A 140 -10.34 -17.42 -0.35
N GLN A 141 -10.87 -18.63 -0.61
CA GLN A 141 -10.61 -19.33 -1.86
C GLN A 141 -10.98 -18.38 -3.01
N ASN A 142 -10.10 -18.34 -3.98
CA ASN A 142 -10.23 -17.48 -5.11
C ASN A 142 -9.93 -16.01 -4.89
N LEU A 143 -9.77 -15.51 -3.63
CA LEU A 143 -9.54 -14.08 -3.43
C LEU A 143 -8.10 -13.63 -3.78
N PHE A 144 -7.12 -14.42 -3.39
CA PHE A 144 -5.71 -14.14 -3.59
C PHE A 144 -5.17 -14.55 -4.94
N TYR A 145 -4.26 -13.72 -5.47
CA TYR A 145 -3.41 -14.16 -6.59
C TYR A 145 -2.58 -15.36 -6.15
N THR A 146 -2.75 -16.51 -6.87
CA THR A 146 -1.98 -17.71 -6.51
C THR A 146 -1.08 -18.17 -7.69
N GLY A 147 -0.85 -17.32 -8.68
CA GLY A 147 -0.08 -17.71 -9.87
C GLY A 147 1.42 -17.78 -9.61
N SER A 148 2.15 -18.32 -10.56
CA SER A 148 3.56 -18.42 -10.29
C SER A 148 4.39 -17.37 -10.98
N ASN A 149 3.81 -16.32 -11.52
CA ASN A 149 4.60 -15.32 -12.22
C ASN A 149 5.13 -14.40 -11.16
N ALA A 150 6.45 -14.18 -11.11
CA ALA A 150 7.03 -13.22 -10.14
C ALA A 150 6.75 -11.77 -10.55
N ASN A 151 6.37 -11.54 -11.80
CA ASN A 151 6.07 -10.15 -12.26
C ASN A 151 4.70 -10.18 -12.96
N PRO A 152 3.61 -10.30 -12.18
CA PRO A 152 2.28 -10.58 -12.75
C PRO A 152 1.69 -9.42 -13.53
N THR A 153 0.89 -9.77 -14.56
CA THR A 153 0.24 -8.70 -15.33
C THR A 153 -1.09 -8.32 -14.66
N LEU A 154 -1.68 -7.19 -15.13
CA LEU A 154 -3.04 -6.82 -14.70
C LEU A 154 -4.02 -7.90 -15.09
N LYS A 155 -3.87 -8.52 -16.27
CA LYS A 155 -4.87 -9.53 -16.66
C LYS A 155 -4.92 -10.71 -15.68
N GLU A 156 -3.75 -11.15 -15.23
CA GLU A 156 -3.77 -12.35 -14.42
CA GLU A 156 -3.53 -12.28 -14.36
C GLU A 156 -3.99 -12.05 -12.93
N THR A 157 -4.00 -10.77 -12.57
CA THR A 157 -4.29 -10.38 -11.17
C THR A 157 -5.61 -9.69 -10.92
N LYS A 158 -6.26 -9.19 -11.98
CA LYS A 158 -7.49 -8.40 -11.78
C LYS A 158 -8.58 -9.31 -11.17
N GLY A 159 -9.36 -8.75 -10.25
CA GLY A 159 -10.32 -9.53 -9.46
C GLY A 159 -9.81 -10.17 -8.21
N LYS A 160 -8.46 -9.99 -7.97
CA LYS A 160 -7.79 -10.71 -6.88
C LYS A 160 -6.92 -9.73 -6.11
N ILE A 161 -6.51 -10.19 -4.95
CA ILE A 161 -5.54 -9.44 -4.09
C ILE A 161 -4.14 -10.08 -4.35
N VAL A 162 -3.14 -9.22 -4.63
CA VAL A 162 -1.76 -9.72 -4.74
C VAL A 162 -1.02 -9.36 -3.44
N LEU A 163 -0.52 -10.39 -2.81
CA LEU A 163 0.30 -10.18 -1.55
C LEU A 163 1.58 -9.39 -1.88
N PHE A 164 1.90 -8.38 -1.07
CA PHE A 164 3.17 -7.67 -1.05
C PHE A 164 3.70 -8.01 0.34
N ASN A 165 4.69 -8.91 0.40
CA ASN A 165 5.00 -9.56 1.67
C ASN A 165 6.07 -8.84 2.48
N ARG A 166 5.68 -8.22 3.60
CA ARG A 166 6.64 -7.61 4.52
C ARG A 166 6.93 -8.46 5.76
N MET A 167 6.39 -9.67 5.79
CA MET A 167 6.43 -10.53 6.95
C MET A 167 7.79 -11.12 7.20
N GLY A 168 8.72 -10.93 6.27
CA GLY A 168 9.94 -11.78 6.31
C GLY A 168 9.81 -13.04 5.43
N GLY A 169 10.70 -14.01 5.67
CA GLY A 169 10.55 -15.21 4.88
C GLY A 169 9.19 -15.86 5.04
N THR A 170 8.69 -16.40 3.92
CA THR A 170 7.37 -17.05 3.96
C THR A 170 7.41 -18.35 3.12
N TYR A 171 6.51 -19.27 3.45
CA TYR A 171 6.26 -20.44 2.58
C TYR A 171 5.20 -20.15 1.52
N ILE A 172 4.51 -19.00 1.60
CA ILE A 172 3.65 -18.60 0.43
C ILE A 172 4.47 -18.36 -0.84
N LYS A 173 3.96 -18.87 -1.98
CA LYS A 173 4.74 -18.86 -3.19
C LYS A 173 4.33 -17.84 -4.24
N SER A 174 3.30 -17.02 -3.94
CA SER A 174 2.78 -16.08 -4.93
C SER A 174 2.73 -14.69 -4.32
N GLY A 175 3.18 -13.73 -5.11
CA GLY A 175 3.14 -12.24 -4.75
C GLY A 175 4.55 -11.73 -4.60
N TYR A 176 4.63 -10.44 -4.27
CA TYR A 176 5.92 -9.74 -4.23
C TYR A 176 6.64 -10.12 -2.93
N GLY A 177 7.88 -10.59 -3.04
CA GLY A 177 8.56 -11.03 -1.84
C GLY A 177 8.10 -12.37 -1.29
N ALA A 178 7.34 -13.17 -2.09
CA ALA A 178 6.75 -14.40 -1.55
C ALA A 178 7.76 -15.55 -1.78
N ASP A 179 8.78 -15.60 -0.91
CA ASP A 179 9.82 -16.69 -0.92
C ASP A 179 10.45 -16.69 0.45
N THR A 180 11.38 -17.62 0.73
CA THR A 180 11.81 -17.81 2.10
C THR A 180 12.84 -16.76 2.51
N SER A 181 13.13 -15.79 1.63
CA SER A 181 13.97 -14.64 2.05
C SER A 181 13.13 -13.40 2.41
N GLY A 182 11.94 -13.36 1.82
CA GLY A 182 11.11 -12.12 1.82
C GLY A 182 11.80 -10.88 1.29
N ILE A 183 11.45 -9.72 1.87
CA ILE A 183 12.01 -8.44 1.46
C ILE A 183 12.91 -7.83 2.54
N GLN A 184 14.13 -7.48 2.14
CA GLN A 184 15.06 -6.90 3.12
C GLN A 184 14.74 -5.38 3.15
N TRP A 185 14.10 -4.93 4.23
CA TRP A 185 13.63 -3.56 4.32
C TRP A 185 14.49 -2.74 5.25
N ALA A 186 14.97 -1.59 4.78
CA ALA A 186 15.87 -0.74 5.58
C ALA A 186 15.03 0.27 6.35
N ASP A 187 15.37 0.52 7.61
CA ASP A 187 14.59 1.41 8.47
C ASP A 187 14.82 2.86 8.09
N ASN A 188 13.74 3.59 7.86
CA ASN A 188 13.85 5.06 7.68
C ASN A 188 14.80 5.53 6.55
N ALA A 189 14.68 4.92 5.39
CA ALA A 189 15.71 5.02 4.36
C ALA A 189 15.08 4.99 2.98
N THR A 190 15.89 5.48 2.03
CA THR A 190 15.70 5.13 0.61
C THR A 190 16.63 3.96 0.39
N PHE A 191 16.14 2.91 -0.26
CA PHE A 191 16.99 1.72 -0.47
C PHE A 191 16.56 0.96 -1.73
N GLU A 192 17.40 0.06 -2.22
CA GLU A 192 17.04 -0.85 -3.31
C GLU A 192 17.44 -2.23 -2.89
N THR A 193 16.69 -3.26 -3.31
CA THR A 193 16.97 -4.61 -2.87
C THR A 193 16.32 -5.51 -3.92
N LYS A 194 16.93 -6.66 -4.24
CA LYS A 194 16.30 -7.55 -5.19
C LYS A 194 15.29 -8.45 -4.45
N ILE A 195 14.14 -8.73 -5.05
CA ILE A 195 13.17 -9.61 -4.42
C ILE A 195 12.70 -10.70 -5.46
N ASN A 196 11.99 -11.73 -4.96
CA ASN A 196 11.49 -12.83 -5.77
C ASN A 196 12.67 -13.54 -6.48
N ASN A 197 13.64 -13.98 -5.68
CA ASN A 197 14.85 -14.70 -6.18
CA ASN A 197 14.80 -14.73 -6.19
C ASN A 197 15.53 -13.93 -7.34
N GLY A 198 15.74 -12.63 -7.12
CA GLY A 198 16.33 -11.72 -8.08
C GLY A 198 15.59 -11.36 -9.30
N SER A 199 14.33 -11.76 -9.38
CA SER A 199 13.49 -11.44 -10.51
C SER A 199 13.10 -9.98 -10.66
N LEU A 200 13.01 -9.30 -9.50
CA LEU A 200 12.65 -7.88 -9.45
C LEU A 200 13.64 -7.07 -8.61
N ASN A 201 13.78 -5.79 -8.98
CA ASN A 201 14.61 -4.82 -8.26
CA ASN A 201 14.60 -4.82 -8.17
C ASN A 201 13.62 -3.85 -7.60
N LEU A 202 13.44 -3.99 -6.27
CA LEU A 202 12.54 -3.09 -5.55
C LEU A 202 13.32 -1.85 -5.08
N LYS A 203 12.74 -0.71 -5.38
CA LYS A 203 13.32 0.60 -5.08
C LYS A 203 12.34 1.30 -4.14
N VAL A 204 12.73 1.56 -2.90
CA VAL A 204 11.72 2.10 -1.95
C VAL A 204 12.21 3.42 -1.37
N GLN A 205 11.30 4.38 -1.18
CA GLN A 205 11.64 5.51 -0.32
C GLN A 205 10.68 5.42 0.89
N ASP A 206 11.22 5.14 2.06
CA ASP A 206 10.41 4.96 3.29
C ASP A 206 11.09 5.66 4.46
N GLU A 207 11.48 6.88 4.18
CA GLU A 207 12.14 7.71 5.26
C GLU A 207 11.01 8.34 6.11
N TYR A 208 10.39 7.52 7.03
CA TYR A 208 9.17 7.90 7.72
C TYR A 208 9.38 8.83 8.88
N LYS A 209 10.66 9.13 9.23
CA LYS A 209 10.92 10.03 10.35
C LYS A 209 11.45 11.37 9.81
N ASP A 210 11.51 11.56 8.50
CA ASP A 210 11.98 12.86 7.90
C ASP A 210 11.16 14.01 8.36
N TYR A 211 11.81 15.17 8.49
CA TYR A 211 11.04 16.41 8.52
C TYR A 211 10.60 16.80 7.13
N TYR A 212 9.74 17.84 7.03
CA TYR A 212 9.09 18.20 5.80
C TYR A 212 9.95 18.37 4.56
N ASP A 213 10.94 19.28 4.62
CA ASP A 213 11.73 19.52 3.43
CA ASP A 213 11.88 19.58 3.56
C ASP A 213 12.57 18.35 2.98
N LYS A 214 13.10 17.55 3.92
CA LYS A 214 13.85 16.40 3.52
C LYS A 214 12.94 15.30 2.93
N LYS A 215 11.74 15.22 3.45
CA LYS A 215 10.75 14.23 2.98
C LYS A 215 10.33 14.57 1.54
N VAL A 216 9.97 15.83 1.27
CA VAL A 216 9.69 16.19 -0.09
C VAL A 216 10.86 15.89 -1.04
N GLU A 217 12.09 16.21 -0.63
CA GLU A 217 13.27 15.92 -1.40
C GLU A 217 13.42 14.39 -1.73
N ALA A 218 13.17 13.57 -0.72
CA ALA A 218 13.28 12.12 -0.86
C ALA A 218 12.18 11.53 -1.81
N VAL A 219 10.95 12.04 -1.69
CA VAL A 219 9.86 11.62 -2.55
C VAL A 219 10.21 12.06 -3.96
N LYS A 220 10.59 13.34 -4.14
CA LYS A 220 10.82 13.79 -5.54
C LYS A 220 12.01 13.08 -6.18
N ASN A 221 13.04 12.79 -5.37
CA ASN A 221 14.18 12.04 -5.91
C ASN A 221 13.77 10.67 -6.45
N LEU A 222 12.95 9.90 -5.72
CA LEU A 222 12.53 8.63 -6.30
C LEU A 222 11.50 8.80 -7.43
N LEU A 223 10.74 9.90 -7.37
CA LEU A 223 9.75 10.18 -8.44
C LEU A 223 10.53 10.44 -9.72
N ALA A 224 11.66 11.14 -9.59
CA ALA A 224 12.47 11.49 -10.80
C ALA A 224 13.11 10.24 -11.40
N LYS A 225 13.55 9.29 -10.58
CA LYS A 225 14.12 8.03 -11.05
C LYS A 225 13.10 7.19 -11.77
N ALA A 226 11.87 7.08 -11.22
CA ALA A 226 10.87 6.35 -11.95
C ALA A 226 10.51 6.92 -13.35
N LYS A 227 10.53 8.23 -13.45
CA LYS A 227 10.13 8.92 -14.68
C LYS A 227 11.02 8.49 -15.85
N THR A 228 12.27 8.19 -15.59
CA THR A 228 13.13 7.82 -16.71
C THR A 228 13.40 6.33 -16.77
N ASP A 229 12.62 5.53 -16.08
CA ASP A 229 12.95 4.11 -16.02
C ASP A 229 11.80 3.34 -16.63
N SER A 230 12.02 2.75 -17.81
CA SER A 230 11.03 1.96 -18.50
C SER A 230 11.20 0.45 -18.22
N ASN A 231 12.01 0.06 -17.22
CA ASN A 231 12.22 -1.36 -16.95
C ASN A 231 11.05 -1.92 -16.13
N LYS A 232 10.33 -2.90 -16.72
CA LYS A 232 9.17 -3.54 -16.09
C LYS A 232 9.62 -4.40 -14.90
N ASP A 233 10.93 -4.69 -14.82
CA ASP A 233 11.35 -5.54 -13.71
C ASP A 233 11.79 -4.70 -12.49
N ASN A 234 11.64 -3.38 -12.59
CA ASN A 234 11.96 -2.51 -11.45
C ASN A 234 10.57 -2.11 -10.84
N VAL A 235 10.50 -2.15 -9.53
CA VAL A 235 9.23 -1.78 -8.86
C VAL A 235 9.51 -0.68 -7.82
N TYR A 236 8.76 0.41 -7.91
CA TYR A 236 8.99 1.63 -7.09
C TYR A 236 7.88 1.73 -6.05
N VAL A 237 8.27 1.83 -4.80
CA VAL A 237 7.29 2.10 -3.68
C VAL A 237 7.74 3.35 -2.94
N ASN A 238 6.94 4.42 -3.05
CA ASN A 238 7.36 5.77 -2.59
C ASN A 238 6.37 6.25 -1.58
N PHE A 239 6.78 6.21 -0.31
CA PHE A 239 5.85 6.64 0.77
C PHE A 239 5.89 8.13 1.01
N LEU A 240 4.75 8.77 0.79
CA LEU A 240 4.65 10.23 1.02
C LEU A 240 4.40 10.51 2.51
N SER A 241 3.95 9.49 3.21
CA SER A 241 3.60 9.60 4.62
C SER A 241 4.80 9.79 5.50
N VAL A 242 4.58 10.48 6.61
CA VAL A 242 5.68 10.77 7.53
C VAL A 242 5.13 10.79 8.93
N ALA A 243 5.98 10.46 9.89
CA ALA A 243 5.55 10.37 11.26
C ALA A 243 5.37 11.73 11.91
N SER A 244 4.44 11.76 12.83
CA SER A 244 4.34 12.94 13.69
C SER A 244 5.51 12.81 14.71
N GLY A 245 6.06 13.90 15.21
CA GLY A 245 7.00 13.73 16.35
C GLY A 245 6.38 13.45 17.74
N GLY A 246 5.06 13.65 17.84
CA GLY A 246 4.25 13.24 19.03
C GLY A 246 3.04 14.16 19.08
N SER A 247 2.13 13.95 20.05
CA SER A 247 0.90 14.80 20.15
C SER A 247 1.10 16.36 20.27
N ALA A 248 2.19 16.78 20.93
CA ALA A 248 2.49 18.23 21.03
C ALA A 248 3.12 18.84 19.73
N PHE A 249 3.45 17.98 18.75
CA PHE A 249 4.16 18.32 17.48
CA PHE A 249 4.06 18.48 17.53
C PHE A 249 3.09 18.32 16.33
N ASN A 250 3.53 18.60 15.11
CA ASN A 250 2.66 18.53 13.90
C ASN A 250 2.02 17.11 13.74
N SER A 251 0.71 17.04 13.46
CA SER A 251 -0.02 15.69 13.21
C SER A 251 0.44 15.10 11.85
N THR A 252 0.15 13.81 11.64
CA THR A 252 0.45 13.23 10.32
C THR A 252 -0.39 13.94 9.22
N TYR A 253 -1.60 14.37 9.57
CA TYR A 253 -2.52 15.08 8.69
C TYR A 253 -1.91 16.41 8.29
N TYR A 254 -1.40 17.16 9.29
CA TYR A 254 -0.62 18.38 8.97
C TYR A 254 0.39 18.17 7.82
N TYR A 255 1.31 17.20 7.96
CA TYR A 255 2.30 16.96 6.93
C TYR A 255 1.65 16.54 5.61
N ALA A 256 0.63 15.66 5.69
CA ALA A 256 -0.04 15.15 4.48
C ALA A 256 -0.62 16.37 3.75
N SER A 257 -1.16 17.31 4.49
CA SER A 257 -1.80 18.48 3.87
C SER A 257 -0.88 19.36 3.03
N TYR A 258 0.44 19.31 3.26
CA TYR A 258 1.45 19.99 2.45
C TYR A 258 2.08 19.10 1.43
N ILE A 259 2.42 17.88 1.83
CA ILE A 259 3.14 16.97 0.96
C ILE A 259 2.27 16.50 -0.21
N ASN A 260 1.04 16.12 0.08
CA ASN A 260 0.15 15.56 -0.94
C ASN A 260 -0.02 16.57 -2.11
N PRO A 261 -0.41 17.80 -1.78
CA PRO A 261 -0.57 18.75 -2.88
C PRO A 261 0.76 19.10 -3.57
N GLU A 262 1.90 19.19 -2.86
CA GLU A 262 3.19 19.46 -3.49
C GLU A 262 3.55 18.37 -4.51
N ILE A 263 3.39 17.11 -4.10
CA ILE A 263 3.78 16.04 -4.98
C ILE A 263 2.75 15.91 -6.14
N ALA A 264 1.45 16.18 -5.85
CA ALA A 264 0.39 16.09 -6.81
C ALA A 264 0.64 17.15 -7.94
N LYS A 265 1.05 18.36 -7.53
CA LYS A 265 1.52 19.46 -8.45
C LYS A 265 2.70 19.01 -9.37
N THR A 266 3.68 18.33 -8.79
CA THR A 266 4.84 17.81 -9.51
C THR A 266 4.48 16.81 -10.57
N ILE A 267 3.64 15.83 -10.18
CA ILE A 267 3.21 14.74 -11.06
C ILE A 267 2.43 15.33 -12.24
N LYS A 268 1.53 16.25 -11.94
CA LYS A 268 0.66 16.84 -12.97
C LYS A 268 1.55 17.59 -14.00
N ALA A 269 2.54 18.34 -13.50
CA ALA A 269 3.48 19.04 -14.39
C ALA A 269 4.36 18.10 -15.21
N ASN A 270 4.61 16.87 -14.71
CA ASN A 270 5.23 15.80 -15.54
C ASN A 270 4.36 15.13 -16.63
N GLY A 271 3.06 15.41 -16.65
CA GLY A 271 2.20 14.71 -17.60
C GLY A 271 2.23 13.21 -17.43
N LYS A 272 2.24 12.47 -18.53
CA LYS A 272 2.05 11.02 -18.45
C LYS A 272 3.37 10.26 -18.38
N ALA A 273 3.98 10.24 -17.20
CA ALA A 273 5.32 9.74 -16.99
C ALA A 273 5.17 8.64 -15.92
N ARG A 274 6.08 7.66 -15.91
CA ARG A 274 5.99 6.58 -14.87
C ARG A 274 6.31 7.16 -13.48
N THR A 275 5.46 6.88 -12.42
CA THR A 275 5.67 7.42 -11.08
C THR A 275 6.03 6.26 -10.09
N GLY A 276 5.62 5.03 -10.41
CA GLY A 276 5.69 3.91 -9.42
C GLY A 276 4.44 3.97 -8.49
N TRP A 277 4.54 3.26 -7.37
CA TRP A 277 3.37 3.11 -6.49
C TRP A 277 3.63 4.09 -5.36
N LEU A 278 2.73 5.09 -5.20
CA LEU A 278 2.95 6.21 -4.26
C LEU A 278 1.95 6.02 -3.09
N ILE A 279 2.47 5.92 -1.86
CA ILE A 279 1.65 5.48 -0.71
C ILE A 279 1.44 6.73 0.16
N VAL A 280 0.19 7.07 0.47
CA VAL A 280 -0.09 8.42 1.00
C VAL A 280 -0.94 8.29 2.29
N ASP A 281 -0.79 9.32 3.13
CA ASP A 281 -1.73 9.47 4.21
C ASP A 281 -2.92 10.28 3.74
N TYR A 282 -4.04 10.04 4.43
CA TYR A 282 -5.29 10.78 4.16
C TYR A 282 -5.59 10.73 2.67
N ALA A 283 -5.53 9.50 2.09
CA ALA A 283 -5.96 9.33 0.72
C ALA A 283 -7.42 9.86 0.48
N GLY A 284 -7.60 10.64 -0.58
CA GLY A 284 -8.95 11.07 -0.99
C GLY A 284 -9.32 12.34 -0.26
N TYR A 285 -8.43 12.81 0.65
CA TYR A 285 -8.70 14.10 1.34
C TYR A 285 -8.34 15.27 0.48
N THR A 286 -9.32 16.15 0.20
CA THR A 286 -9.03 17.24 -0.78
C THR A 286 -9.00 18.63 -0.10
N TRP A 287 -8.30 19.55 -0.71
CA TRP A 287 -8.21 20.94 -0.22
C TRP A 287 -8.52 21.80 -1.42
N PRO A 288 -9.65 22.53 -1.39
CA PRO A 288 -9.93 23.49 -2.50
C PRO A 288 -8.74 24.35 -2.94
N GLY A 289 -8.46 24.37 -4.25
CA GLY A 289 -7.30 25.09 -4.83
C GLY A 289 -5.99 24.32 -5.02
N TYR A 290 -5.98 23.06 -4.58
CA TYR A 290 -4.78 22.22 -4.53
C TYR A 290 -5.07 20.85 -5.20
N ASP A 291 -4.11 20.45 -6.01
CA ASP A 291 -4.12 19.20 -6.78
C ASP A 291 -4.28 18.00 -5.82
N ASP A 292 -5.01 17.02 -6.29
CA ASP A 292 -5.33 15.87 -5.45
C ASP A 292 -4.33 14.76 -5.76
N ILE A 293 -3.57 14.30 -4.76
CA ILE A 293 -2.49 13.29 -5.09
C ILE A 293 -3.06 11.98 -5.68
N VAL A 294 -4.16 11.49 -5.20
CA VAL A 294 -4.69 10.17 -5.67
C VAL A 294 -5.10 10.44 -7.18
N SER A 295 -5.81 11.54 -7.43
CA SER A 295 -6.23 11.80 -8.81
C SER A 295 -5.04 11.93 -9.72
N GLU A 296 -4.02 12.65 -9.30
CA GLU A 296 -2.85 12.85 -10.19
C GLU A 296 -2.04 11.59 -10.42
N ILE A 297 -1.97 10.73 -9.40
CA ILE A 297 -1.28 9.41 -9.69
C ILE A 297 -2.12 8.64 -10.75
N ILE A 298 -3.45 8.62 -10.60
CA ILE A 298 -4.31 7.86 -11.52
C ILE A 298 -4.09 8.44 -12.96
N ASP A 299 -4.07 9.78 -13.08
CA ASP A 299 -4.01 10.40 -14.45
C ASP A 299 -2.67 10.34 -15.06
N SER A 300 -1.65 10.00 -14.27
CA SER A 300 -0.31 9.84 -14.82
C SER A 300 -0.14 8.62 -15.72
N ASN A 301 -1.06 7.66 -15.64
CA ASN A 301 -1.08 6.38 -16.42
C ASN A 301 -1.37 6.69 -17.88
N LYS A 302 -0.59 6.13 -18.78
CA LYS A 302 -0.83 6.35 -20.23
C LYS A 302 -1.94 5.41 -20.71
N LEU A 303 -2.69 5.79 -21.74
CA LEU A 303 -3.81 4.96 -22.18
C LEU A 303 -3.61 4.18 -23.49
C ACT B . 9.48 -4.79 7.07
O ACT B . 9.22 -4.93 5.92
OXT ACT B . 9.40 -3.71 7.62
CH3 ACT B . 10.13 -5.97 7.80
C ACT C . -9.39 5.57 19.13
O ACT C . -8.96 4.55 19.71
OXT ACT C . -10.56 5.58 18.74
CH3 ACT C . -8.52 6.67 18.80
C4 CHT D . 7.46 22.80 6.78
C5 CHT D . 6.73 24.12 6.59
C6 CHT D . 4.59 23.02 6.28
C7 CHT D . 5.76 23.89 4.34
C8 CHT D . 4.81 25.37 5.91
O6 CHT D . 7.56 22.26 7.87
N1 CHT D . 5.48 24.07 5.78
C4 CHT E . -0.81 23.67 1.58
C5 CHT E . -2.22 23.18 1.38
C6 CHT E . -3.32 24.92 2.65
C7 CHT E . -2.34 22.92 3.74
C8 CHT E . -4.34 22.78 2.38
O6 CHT E . -0.03 23.59 0.65
N1 CHT E . -3.05 23.45 2.56
CL CL F . 6.23 -13.89 14.76
#